data_2ZZR
#
_entry.id   2ZZR
#
_cell.length_a   116.080
_cell.length_b   116.080
_cell.length_c   78.125
_cell.angle_alpha   90.00
_cell.angle_beta   90.00
_cell.angle_gamma   120.00
#
_symmetry.space_group_name_H-M   'P 32 2 1'
#
loop_
_entity.id
_entity.type
_entity.pdbx_description
1 polymer 'Unsaturated glucuronyl hydrolase'
2 non-polymer 'SULFATE ION'
3 non-polymer GLYCEROL
4 water water
#
_entity_poly.entity_id   1
_entity_poly.type   'polypeptide(L)'
_entity_poly.pdbx_seq_one_letter_code
;MKIKPVKVESIENPKRFLNSRLLTKIEVEEAIEKALKQLYINIDYFGEEYPTPATFNNIYKVMDNTEWTNGFWTGCLWLA
YEYNQDKKLKNIAHKNVLSFLNRINNRIALDHHDLGFLYTPSCTAEYRINGDVKALEATIKAADKLMERYQEKGGFIQAW
GELGYKEHYRLIIDCLLNIQLLFFAYEQTGDEKYRQVAVNHFYASANNVVRDDSSAFHTFYFDPETGEPLKGVTRQGYSD
ESSWARGQAWGIYGIPLSYRKMKDYQQIILFKGMTNYFLNRLPEDKVSYWDLIFTDGSGQPRDTSATATAVCGIHEMLKY
LPEVDPDKETYKYAMHTMLRSLIEQYSNNELIAGRPLLLHGVYSWHSGKGVDEGNIWGDYYYLEALIRFYKDWELYW
;
_entity_poly.pdbx_strand_id   A
#
loop_
_chem_comp.id
_chem_comp.type
_chem_comp.name
_chem_comp.formula
GOL non-polymer GLYCEROL 'C3 H8 O3'
SO4 non-polymer 'SULFATE ION' 'O4 S -2'
#
# COMPACT_ATOMS: atom_id res chain seq x y z
N MET A 1 -24.83 -1.56 -2.14
CA MET A 1 -24.39 -2.93 -2.52
C MET A 1 -24.03 -3.76 -1.28
N LYS A 2 -24.58 -4.96 -1.19
CA LYS A 2 -24.30 -5.86 -0.09
C LYS A 2 -22.91 -6.49 -0.22
N ILE A 3 -22.21 -6.61 0.90
CA ILE A 3 -20.98 -7.38 1.00
C ILE A 3 -21.30 -8.68 1.72
N LYS A 4 -20.85 -9.79 1.14
CA LYS A 4 -21.07 -11.12 1.70
C LYS A 4 -20.50 -11.21 3.12
N PRO A 5 -21.11 -12.05 3.98
CA PRO A 5 -20.54 -12.26 5.30
C PRO A 5 -19.10 -12.81 5.24
N VAL A 6 -18.27 -12.34 6.16
CA VAL A 6 -16.93 -12.89 6.36
C VAL A 6 -16.76 -13.27 7.82
N LYS A 7 -15.94 -14.28 8.09
CA LYS A 7 -15.66 -14.66 9.46
C LYS A 7 -14.80 -13.59 10.09
N VAL A 8 -15.25 -13.08 11.24
CA VAL A 8 -14.47 -12.13 12.01
C VAL A 8 -13.88 -12.87 13.20
N GLU A 9 -12.61 -13.24 13.09
CA GLU A 9 -11.88 -13.86 14.18
C GLU A 9 -11.73 -12.89 15.33
N SER A 10 -11.88 -13.37 16.56
CA SER A 10 -11.50 -12.52 17.70
C SER A 10 -9.99 -12.33 17.67
N ILE A 11 -9.52 -11.17 18.13
CA ILE A 11 -8.08 -10.96 18.28
C ILE A 11 -7.61 -11.84 19.43
N GLU A 12 -6.93 -12.92 19.04
CA GLU A 12 -6.56 -13.97 19.97
C GLU A 12 -5.46 -13.46 20.89
N ASN A 13 -5.58 -13.74 22.18
CA ASN A 13 -4.60 -13.30 23.19
C ASN A 13 -4.23 -11.80 23.07
N PRO A 14 -5.22 -10.88 23.20
CA PRO A 14 -5.00 -9.44 22.94
C PRO A 14 -3.98 -8.74 23.84
N LYS A 15 -3.64 -9.33 24.98
CA LYS A 15 -2.62 -8.75 25.86
C LYS A 15 -1.26 -8.64 25.17
N ARG A 16 -1.03 -9.48 24.17
CA ARG A 16 0.19 -9.44 23.35
C ARG A 16 0.39 -8.06 22.72
N PHE A 17 -0.71 -7.33 22.53
CA PHE A 17 -0.69 -5.97 22.02
C PHE A 17 -0.91 -4.94 23.14
N LEU A 18 -1.93 -5.18 23.96
CA LEU A 18 -2.35 -4.22 24.99
C LEU A 18 -1.29 -3.95 26.07
N ASN A 19 -0.43 -4.93 26.34
CA ASN A 19 0.64 -4.79 27.34
C ASN A 19 1.85 -3.98 26.86
N SER A 20 1.82 -3.53 25.62
CA SER A 20 2.96 -2.81 25.03
C SER A 20 3.04 -1.34 25.40
N ARG A 21 4.24 -0.77 25.27
CA ARG A 21 4.47 0.65 25.46
C ARG A 21 4.12 1.39 24.19
N LEU A 22 3.32 2.44 24.31
CA LEU A 22 3.06 3.32 23.16
C LEU A 22 4.32 4.05 22.74
N LEU A 23 4.49 4.24 21.43
CA LEU A 23 5.61 4.97 20.88
C LEU A 23 5.59 6.44 21.28
N THR A 24 6.73 6.93 21.75
CA THR A 24 6.83 8.33 22.15
C THR A 24 7.25 9.22 21.00
N LYS A 25 7.05 10.51 21.17
CA LYS A 25 7.43 11.49 20.17
C LYS A 25 8.92 11.39 19.82
N ILE A 26 9.78 11.28 20.84
CA ILE A 26 11.22 11.17 20.57
C ILE A 26 11.59 9.89 19.84
N GLU A 27 10.92 8.79 20.15
CA GLU A 27 11.18 7.51 19.47
C GLU A 27 10.84 7.61 17.98
N VAL A 28 9.67 8.14 17.67
CA VAL A 28 9.25 8.33 16.27
C VAL A 28 10.11 9.37 15.56
N GLU A 29 10.42 10.47 16.26
CA GLU A 29 11.26 11.53 15.73
C GLU A 29 12.64 11.00 15.31
N GLU A 30 13.24 10.19 16.17
CA GLU A 30 14.56 9.61 15.90
C GLU A 30 14.54 8.61 14.74
N ALA A 31 13.45 7.85 14.63
CA ALA A 31 13.24 6.95 13.49
C ALA A 31 13.11 7.72 12.18
N ILE A 32 12.36 8.83 12.21
CA ILE A 32 12.22 9.70 11.05
C ILE A 32 13.57 10.29 10.65
N GLU A 33 14.32 10.76 11.64
CA GLU A 33 15.61 11.39 11.36
C GLU A 33 16.63 10.40 10.78
N LYS A 34 16.63 9.16 11.28
CA LYS A 34 17.49 8.11 10.73
C LYS A 34 17.10 7.78 9.27
N ALA A 35 15.80 7.70 9.00
CA ALA A 35 15.32 7.49 7.64
C ALA A 35 15.75 8.62 6.69
N LEU A 36 15.63 9.86 7.17
CA LEU A 36 15.99 11.03 6.36
C LEU A 36 17.48 11.09 6.02
N LYS A 37 18.33 10.67 6.95
CA LYS A 37 19.77 10.57 6.71
C LYS A 37 20.04 9.65 5.51
N GLN A 38 19.32 8.52 5.46
CA GLN A 38 19.43 7.60 4.33
C GLN A 38 18.86 8.21 3.05
N LEU A 39 17.75 8.94 3.14
CA LEU A 39 17.14 9.57 1.98
C LEU A 39 18.05 10.62 1.34
N TYR A 40 18.73 11.41 2.19
CA TYR A 40 19.65 12.42 1.68
C TYR A 40 20.85 11.80 0.94
N ILE A 41 21.39 10.73 1.51
CA ILE A 41 22.44 9.92 0.89
C ILE A 41 21.97 9.35 -0.45
N ASN A 42 20.71 8.92 -0.52
CA ASN A 42 20.15 8.36 -1.75
C ASN A 42 19.75 9.36 -2.83
N ILE A 43 19.40 10.60 -2.45
CA ILE A 43 19.12 11.64 -3.43
C ILE A 43 20.34 11.84 -4.35
N ASP A 44 21.53 11.77 -3.75
CA ASP A 44 22.78 11.87 -4.50
C ASP A 44 23.07 10.60 -5.32
N TYR A 45 22.72 9.45 -4.76
CA TYR A 45 22.88 8.15 -5.43
C TYR A 45 21.98 8.01 -6.65
N PHE A 46 20.70 8.37 -6.52
CA PHE A 46 19.75 8.24 -7.62
C PHE A 46 19.75 9.41 -8.60
N GLY A 47 20.10 10.60 -8.12
CA GLY A 47 19.99 11.81 -8.93
C GLY A 47 18.56 12.06 -9.36
N GLU A 48 18.35 12.21 -10.66
CA GLU A 48 17.02 12.39 -11.22
C GLU A 48 16.35 11.05 -11.59
N GLU A 49 17.06 9.96 -11.33
CA GLU A 49 16.55 8.63 -11.61
C GLU A 49 15.93 8.00 -10.35
N TYR A 50 15.68 6.69 -10.38
CA TYR A 50 14.82 6.05 -9.38
C TYR A 50 15.41 4.75 -8.85
N PRO A 51 15.06 4.38 -7.59
CA PRO A 51 15.42 3.06 -7.11
C PRO A 51 14.67 1.99 -7.89
N THR A 52 15.30 0.84 -8.06
CA THR A 52 14.60 -0.35 -8.54
C THR A 52 13.55 -0.75 -7.50
N PRO A 53 12.52 -1.54 -7.90
CA PRO A 53 11.50 -1.99 -6.95
C PRO A 53 12.07 -2.52 -5.63
N ALA A 54 13.08 -3.38 -5.72
CA ALA A 54 13.73 -3.95 -4.54
C ALA A 54 15.25 -3.78 -4.60
N THR A 55 15.88 -3.98 -3.44
CA THR A 55 17.33 -3.92 -3.34
C THR A 55 17.96 -5.25 -3.77
N PHE A 56 19.27 -5.21 -4.00
CA PHE A 56 20.07 -6.39 -4.33
C PHE A 56 21.22 -6.42 -3.34
N ASN A 57 21.23 -7.44 -2.48
CA ASN A 57 22.14 -7.48 -1.34
C ASN A 57 22.04 -6.18 -0.51
N ASN A 58 20.80 -5.71 -0.35
CA ASN A 58 20.46 -4.49 0.39
C ASN A 58 20.92 -3.16 -0.21
N ILE A 59 21.30 -3.20 -1.48
CA ILE A 59 21.61 -2.00 -2.25
C ILE A 59 20.70 -1.88 -3.48
N TYR A 60 19.94 -0.80 -3.56
CA TYR A 60 19.13 -0.51 -4.74
C TYR A 60 20.01 -0.36 -5.96
N LYS A 61 19.50 -0.78 -7.12
CA LYS A 61 20.04 -0.35 -8.39
C LYS A 61 19.28 0.90 -8.84
N VAL A 62 19.78 1.54 -9.89
CA VAL A 62 19.22 2.78 -10.40
C VAL A 62 18.51 2.52 -11.73
N MET A 63 17.32 3.08 -11.88
CA MET A 63 16.51 2.85 -13.07
C MET A 63 15.75 4.10 -13.54
N ASP A 64 15.20 4.03 -14.75
CA ASP A 64 14.40 5.13 -15.28
C ASP A 64 12.95 5.04 -14.79
N ASN A 65 12.09 5.89 -15.35
CA ASN A 65 10.70 6.00 -14.91
C ASN A 65 9.75 5.11 -15.72
N THR A 66 9.90 3.80 -15.56
CA THR A 66 9.13 2.83 -16.36
C THR A 66 8.60 1.64 -15.56
N GLU A 67 8.74 1.68 -14.24
CA GLU A 67 8.21 0.60 -13.39
C GLU A 67 6.88 0.99 -12.74
N TRP A 68 6.35 0.11 -11.89
CA TRP A 68 5.12 0.41 -11.14
C TRP A 68 5.42 1.09 -9.81
N THR A 69 6.72 1.21 -9.50
CA THR A 69 7.20 1.54 -8.15
C THR A 69 7.83 2.94 -8.03
N ASN A 70 7.98 3.64 -9.15
CA ASN A 70 8.71 4.92 -9.15
C ASN A 70 8.13 5.98 -8.22
N GLY A 71 6.81 6.01 -8.10
CA GLY A 71 6.10 6.97 -7.25
C GLY A 71 6.41 6.88 -5.78
N PHE A 72 6.80 5.68 -5.31
CA PHE A 72 7.14 5.46 -3.91
C PHE A 72 8.42 6.20 -3.51
N TRP A 73 9.36 6.31 -4.44
CA TRP A 73 10.57 7.12 -4.22
C TRP A 73 10.19 8.59 -3.99
N THR A 74 9.44 9.17 -4.92
CA THR A 74 8.97 10.55 -4.82
C THR A 74 8.16 10.75 -3.54
N GLY A 75 7.33 9.76 -3.19
CA GLY A 75 6.57 9.80 -1.94
C GLY A 75 7.43 9.91 -0.69
N CYS A 76 8.54 9.18 -0.66
CA CYS A 76 9.51 9.28 0.45
C CYS A 76 10.04 10.72 0.55
N LEU A 77 10.37 11.29 -0.60
CA LEU A 77 10.86 12.67 -0.65
C LEU A 77 9.83 13.68 -0.12
N TRP A 78 8.57 13.54 -0.54
CA TRP A 78 7.52 14.46 -0.09
C TRP A 78 7.25 14.30 1.40
N LEU A 79 7.27 13.07 1.90
CA LEU A 79 7.08 12.84 3.33
C LEU A 79 8.19 13.51 4.14
N ALA A 80 9.43 13.35 3.67
CA ALA A 80 10.58 14.00 4.29
C ALA A 80 10.43 15.51 4.25
N TYR A 81 9.95 16.02 3.12
CA TYR A 81 9.72 17.46 2.92
C TYR A 81 8.69 18.02 3.90
N GLU A 82 7.64 17.25 4.17
CA GLU A 82 6.66 17.65 5.18
C GLU A 82 7.27 17.73 6.56
N TYR A 83 8.25 16.88 6.82
CA TYR A 83 8.92 16.85 8.10
C TYR A 83 9.86 18.03 8.33
N ASN A 84 10.65 18.39 7.32
CA ASN A 84 11.68 19.43 7.53
C ASN A 84 11.64 20.67 6.65
N GLN A 85 10.68 20.73 5.72
CA GLN A 85 10.47 21.88 4.84
CA GLN A 85 10.48 21.87 4.82
C GLN A 85 11.74 22.31 4.05
N ASP A 86 12.61 21.34 3.75
CA ASP A 86 13.85 21.59 3.01
C ASP A 86 13.52 21.75 1.52
N LYS A 87 13.76 22.95 1.01
CA LYS A 87 13.53 23.27 -0.40
C LYS A 87 14.25 22.31 -1.35
N LYS A 88 15.40 21.78 -0.92
CA LYS A 88 16.17 20.81 -1.71
C LYS A 88 15.36 19.56 -2.04
N LEU A 89 14.57 19.11 -1.07
CA LEU A 89 13.70 17.94 -1.26
C LEU A 89 12.59 18.24 -2.26
N LYS A 90 11.96 19.40 -2.12
CA LYS A 90 10.93 19.85 -3.04
C LYS A 90 11.48 19.95 -4.46
N ASN A 91 12.69 20.50 -4.59
CA ASN A 91 13.33 20.62 -5.89
C ASN A 91 13.43 19.28 -6.62
N ILE A 92 13.93 18.26 -5.95
CA ILE A 92 14.10 16.95 -6.59
C ILE A 92 12.75 16.26 -6.79
N ALA A 93 11.87 16.35 -5.79
CA ALA A 93 10.55 15.71 -5.88
C ALA A 93 9.71 16.32 -7.01
N HIS A 94 9.79 17.64 -7.18
CA HIS A 94 9.05 18.29 -8.25
C HIS A 94 9.60 17.95 -9.64
N LYS A 95 10.91 17.73 -9.73
CA LYS A 95 11.50 17.22 -10.96
C LYS A 95 10.96 15.82 -11.28
N ASN A 96 10.81 14.98 -10.26
CA ASN A 96 10.13 13.68 -10.42
C ASN A 96 8.72 13.89 -10.98
N VAL A 97 7.97 14.82 -10.38
CA VAL A 97 6.63 15.17 -10.86
C VAL A 97 6.62 15.51 -12.36
N LEU A 98 7.60 16.29 -12.81
CA LEU A 98 7.67 16.66 -14.23
C LEU A 98 7.93 15.43 -15.12
N SER A 99 8.75 14.52 -14.61
CA SER A 99 9.00 13.22 -15.25
C SER A 99 7.72 12.39 -15.35
N PHE A 100 6.93 12.36 -14.28
CA PHE A 100 5.63 11.68 -14.30
C PHE A 100 4.66 12.32 -15.29
N LEU A 101 4.67 13.64 -15.39
CA LEU A 101 3.89 14.34 -16.38
C LEU A 101 4.32 13.94 -17.80
N ASN A 102 5.63 13.85 -18.02
CA ASN A 102 6.16 13.37 -19.30
C ASN A 102 5.69 11.95 -19.61
N ARG A 103 5.74 11.10 -18.58
CA ARG A 103 5.37 9.69 -18.72
C ARG A 103 3.91 9.49 -19.16
N ILE A 104 2.99 10.26 -18.58
CA ILE A 104 1.58 10.14 -18.97
C ILE A 104 1.30 10.82 -20.31
N ASN A 105 1.91 11.98 -20.55
CA ASN A 105 1.77 12.68 -21.82
C ASN A 105 2.13 11.78 -23.00
N ASN A 106 3.17 11.00 -22.82
CA ASN A 106 3.69 10.09 -23.84
C ASN A 106 3.25 8.64 -23.67
N ARG A 107 2.38 8.40 -22.69
CA ARG A 107 1.80 7.06 -22.45
C ARG A 107 2.87 5.97 -22.42
N ILE A 108 3.94 6.21 -21.65
CA ILE A 108 5.06 5.29 -21.53
C ILE A 108 4.87 4.34 -20.35
N ALA A 109 4.83 3.04 -20.64
CA ALA A 109 4.77 1.99 -19.63
C ALA A 109 3.61 2.15 -18.64
N LEU A 110 2.42 2.41 -19.16
CA LEU A 110 1.26 2.66 -18.29
C LEU A 110 0.02 1.79 -18.60
N ASP A 111 0.23 0.67 -19.29
CA ASP A 111 -0.88 -0.22 -19.62
C ASP A 111 -1.08 -1.26 -18.54
N HIS A 112 -1.51 -0.77 -17.37
CA HIS A 112 -1.72 -1.58 -16.19
C HIS A 112 -2.57 -0.73 -15.24
N HIS A 113 -2.86 -1.26 -14.05
CA HIS A 113 -3.77 -0.62 -13.12
C HIS A 113 -3.04 0.12 -12.00
N ASP A 114 -1.70 0.19 -12.08
CA ASP A 114 -0.90 0.77 -11.00
C ASP A 114 -0.66 2.28 -11.13
N LEU A 115 -1.59 2.96 -11.80
CA LEU A 115 -1.53 4.42 -11.99
C LEU A 115 -1.57 5.18 -10.65
N GLY A 116 -2.30 4.64 -9.68
CA GLY A 116 -2.39 5.23 -8.35
C GLY A 116 -1.09 5.12 -7.57
N PHE A 117 -0.50 3.94 -7.53
CA PHE A 117 0.82 3.77 -6.90
C PHE A 117 1.84 4.74 -7.50
N LEU A 118 1.76 4.95 -8.80
CA LEU A 118 2.71 5.81 -9.51
C LEU A 118 2.45 7.29 -9.27
N TYR A 119 1.19 7.70 -9.41
CA TYR A 119 0.85 9.13 -9.46
C TYR A 119 0.39 9.74 -8.14
N THR A 120 -0.16 8.91 -7.25
CA THR A 120 -0.65 9.43 -5.97
C THR A 120 0.45 9.95 -5.01
N PRO A 121 1.50 9.14 -4.73
CA PRO A 121 2.56 9.59 -3.82
C PRO A 121 3.52 10.59 -4.44
N SER A 122 3.41 10.81 -5.76
CA SER A 122 4.30 11.72 -6.47
C SER A 122 3.59 13.02 -6.83
N CYS A 123 2.59 12.92 -7.70
CA CYS A 123 1.91 14.09 -8.23
C CYS A 123 0.78 14.56 -7.33
N THR A 124 -0.10 13.66 -6.92
CA THR A 124 -1.19 14.08 -6.03
C THR A 124 -0.60 14.61 -4.72
N ALA A 125 0.46 13.96 -4.26
CA ALA A 125 1.20 14.42 -3.07
C ALA A 125 1.59 15.89 -3.17
N GLU A 126 2.23 16.27 -4.29
CA GLU A 126 2.61 17.68 -4.42
C GLU A 126 1.40 18.59 -4.43
N TYR A 127 0.34 18.17 -5.13
CA TYR A 127 -0.89 18.96 -5.17
C TYR A 127 -1.45 19.23 -3.77
N ARG A 128 -1.45 18.21 -2.91
CA ARG A 128 -1.86 18.38 -1.51
C ARG A 128 -1.00 19.42 -0.80
N ILE A 129 0.29 19.36 -1.06
CA ILE A 129 1.28 20.13 -0.32
C ILE A 129 1.29 21.61 -0.74
N ASN A 130 1.31 21.86 -2.04
CA ASN A 130 1.41 23.24 -2.53
C ASN A 130 0.49 23.61 -3.71
N GLY A 131 -0.39 22.70 -4.12
CA GLY A 131 -1.34 22.98 -5.19
C GLY A 131 -0.77 23.10 -6.60
N ASP A 132 0.44 22.56 -6.80
CA ASP A 132 1.11 22.65 -8.11
C ASP A 132 0.20 22.18 -9.26
N VAL A 133 0.01 23.04 -10.26
CA VAL A 133 -0.94 22.78 -11.33
C VAL A 133 -0.49 21.69 -12.31
N LYS A 134 0.81 21.52 -12.47
CA LYS A 134 1.33 20.43 -13.32
C LYS A 134 1.20 19.08 -12.62
N ALA A 135 1.35 19.09 -11.29
CA ALA A 135 1.08 17.90 -10.47
C ALA A 135 -0.39 17.48 -10.58
N LEU A 136 -1.30 18.47 -10.54
CA LEU A 136 -2.72 18.21 -10.75
C LEU A 136 -2.99 17.68 -12.15
N GLU A 137 -2.40 18.31 -13.16
CA GLU A 137 -2.56 17.91 -14.55
C GLU A 137 -2.18 16.44 -14.75
N ALA A 138 -1.00 16.07 -14.23
CA ALA A 138 -0.51 14.70 -14.34
C ALA A 138 -1.46 13.73 -13.64
N THR A 139 -1.97 14.12 -12.48
CA THR A 139 -2.90 13.29 -11.71
C THR A 139 -4.20 13.00 -12.50
N ILE A 140 -4.82 14.04 -13.06
CA ILE A 140 -6.05 13.86 -13.80
C ILE A 140 -5.82 12.99 -15.05
N LYS A 141 -4.73 13.26 -15.77
CA LYS A 141 -4.37 12.45 -16.94
C LYS A 141 -4.14 10.98 -16.55
N ALA A 142 -3.48 10.77 -15.42
CA ALA A 142 -3.29 9.42 -14.87
C ALA A 142 -4.61 8.73 -14.51
N ALA A 143 -5.54 9.48 -13.93
CA ALA A 143 -6.87 8.96 -13.60
C ALA A 143 -7.58 8.51 -14.87
N ASP A 144 -7.54 9.33 -15.92
CA ASP A 144 -8.14 8.96 -17.20
C ASP A 144 -7.48 7.71 -17.79
N LYS A 145 -6.16 7.61 -17.64
CA LYS A 145 -5.43 6.43 -18.08
C LYS A 145 -5.93 5.18 -17.35
N LEU A 146 -6.11 5.29 -16.04
CA LEU A 146 -6.61 4.19 -15.23
C LEU A 146 -8.04 3.78 -15.64
N MET A 147 -8.88 4.78 -15.91
CA MET A 147 -10.27 4.53 -16.33
C MET A 147 -10.37 3.67 -17.60
N GLU A 148 -9.35 3.73 -18.44
CA GLU A 148 -9.31 2.97 -19.71
C GLU A 148 -9.43 1.46 -19.50
N ARG A 149 -9.04 0.98 -18.31
CA ARG A 149 -9.06 -0.46 -18.03
C ARG A 149 -10.35 -0.95 -17.35
N TYR A 150 -11.30 -0.04 -17.14
CA TYR A 150 -12.57 -0.41 -16.51
C TYR A 150 -13.40 -1.32 -17.41
N GLN A 151 -13.91 -2.40 -16.80
CA GLN A 151 -14.79 -3.33 -17.48
C GLN A 151 -16.20 -3.29 -16.92
N GLU A 152 -17.15 -2.86 -17.75
CA GLU A 152 -18.57 -2.79 -17.34
C GLU A 152 -19.15 -4.14 -16.94
N LYS A 153 -18.68 -5.20 -17.60
CA LYS A 153 -19.11 -6.55 -17.30
C LYS A 153 -18.31 -7.14 -16.13
N GLY A 154 -18.84 -6.94 -14.92
CA GLY A 154 -18.14 -7.28 -13.68
C GLY A 154 -17.89 -6.04 -12.83
N GLY A 155 -17.78 -4.89 -13.49
CA GLY A 155 -17.61 -3.59 -12.84
C GLY A 155 -16.30 -3.46 -12.09
N PHE A 156 -15.20 -3.76 -12.77
CA PHE A 156 -13.87 -3.74 -12.15
C PHE A 156 -12.82 -3.19 -13.10
N ILE A 157 -11.70 -2.74 -12.52
CA ILE A 157 -10.55 -2.29 -13.31
C ILE A 157 -9.69 -3.52 -13.59
N GLN A 158 -9.53 -3.84 -14.87
CA GLN A 158 -8.76 -5.01 -15.25
C GLN A 158 -7.26 -4.79 -15.04
N ALA A 159 -6.61 -5.81 -14.48
CA ALA A 159 -5.17 -5.82 -14.32
C ALA A 159 -4.47 -5.87 -15.69
N TRP A 160 -3.16 -5.66 -15.70
CA TRP A 160 -2.35 -5.71 -16.92
C TRP A 160 -2.62 -6.97 -17.76
N GLY A 161 -2.44 -6.82 -19.07
CA GLY A 161 -2.74 -7.87 -20.03
C GLY A 161 -3.64 -7.35 -21.13
N GLU A 162 -4.21 -8.27 -21.90
CA GLU A 162 -5.08 -7.92 -23.01
C GLU A 162 -6.48 -7.57 -22.48
N LEU A 163 -6.90 -6.33 -22.72
CA LEU A 163 -8.21 -5.86 -22.23
C LEU A 163 -9.34 -6.68 -22.83
N GLY A 164 -10.21 -7.19 -21.96
CA GLY A 164 -11.39 -7.94 -22.36
C GLY A 164 -11.18 -9.42 -22.61
N TYR A 165 -9.91 -9.83 -22.64
CA TYR A 165 -9.53 -11.20 -22.95
C TYR A 165 -9.74 -12.12 -21.75
N LYS A 166 -10.50 -13.20 -21.95
CA LYS A 166 -10.90 -14.10 -20.86
C LYS A 166 -9.77 -14.55 -19.94
N GLU A 167 -8.64 -14.98 -20.52
CA GLU A 167 -7.55 -15.53 -19.71
C GLU A 167 -6.79 -14.47 -18.90
N HIS A 168 -7.08 -13.20 -19.19
CA HIS A 168 -6.50 -12.05 -18.47
C HIS A 168 -7.56 -11.24 -17.73
N TYR A 169 -8.82 -11.67 -17.82
CA TYR A 169 -9.96 -10.86 -17.39
C TYR A 169 -10.14 -10.94 -15.87
N ARG A 170 -9.38 -10.13 -15.16
CA ARG A 170 -9.23 -10.29 -13.73
C ARG A 170 -8.89 -8.97 -13.06
N LEU A 171 -9.17 -8.90 -11.76
CA LEU A 171 -8.67 -7.81 -10.92
C LEU A 171 -7.61 -8.36 -9.96
N ILE A 172 -6.78 -7.48 -9.42
CA ILE A 172 -5.79 -7.84 -8.42
C ILE A 172 -6.05 -6.98 -7.19
N ILE A 173 -5.82 -7.54 -6.00
CA ILE A 173 -6.23 -6.89 -4.76
C ILE A 173 -5.56 -5.53 -4.52
N ASP A 174 -4.34 -5.37 -5.05
CA ASP A 174 -3.64 -4.09 -4.86
C ASP A 174 -4.31 -2.92 -5.58
N CYS A 175 -5.25 -3.23 -6.48
CA CYS A 175 -5.99 -2.18 -7.17
C CYS A 175 -6.84 -1.35 -6.19
N LEU A 176 -7.11 -1.91 -5.01
CA LEU A 176 -7.79 -1.16 -3.94
C LEU A 176 -7.05 0.13 -3.59
N LEU A 177 -5.73 0.12 -3.68
CA LEU A 177 -4.92 1.33 -3.43
C LEU A 177 -4.94 2.29 -4.60
N ASN A 178 -5.22 1.76 -5.79
CA ASN A 178 -5.16 2.54 -7.02
C ASN A 178 -6.46 3.28 -7.37
N ILE A 179 -7.57 2.86 -6.78
CA ILE A 179 -8.85 3.55 -7.01
C ILE A 179 -8.93 4.87 -6.21
N GLN A 180 -8.00 5.09 -5.30
CA GLN A 180 -7.99 6.35 -4.54
C GLN A 180 -7.77 7.52 -5.50
N LEU A 181 -6.95 7.27 -6.52
CA LEU A 181 -6.73 8.21 -7.62
C LEU A 181 -8.05 8.63 -8.27
N LEU A 182 -8.95 7.66 -8.42
CA LEU A 182 -10.25 7.93 -9.04
C LEU A 182 -11.18 8.75 -8.12
N PHE A 183 -11.15 8.47 -6.82
CA PHE A 183 -11.90 9.29 -5.87
C PHE A 183 -11.40 10.73 -5.87
N PHE A 184 -10.09 10.92 -6.01
CA PHE A 184 -9.50 12.26 -6.12
C PHE A 184 -9.98 12.97 -7.39
N ALA A 185 -9.92 12.26 -8.52
CA ALA A 185 -10.39 12.83 -9.78
C ALA A 185 -11.86 13.23 -9.71
N TYR A 186 -12.66 12.43 -9.04
CA TYR A 186 -14.07 12.78 -8.81
C TYR A 186 -14.20 14.09 -8.05
N GLU A 187 -13.45 14.22 -6.95
CA GLU A 187 -13.51 15.41 -6.10
C GLU A 187 -13.08 16.67 -6.84
N GLN A 188 -12.09 16.53 -7.71
CA GLN A 188 -11.54 17.68 -8.44
C GLN A 188 -12.39 18.13 -9.62
N THR A 189 -13.04 17.18 -10.29
CA THR A 189 -13.75 17.45 -11.54
C THR A 189 -15.26 17.48 -11.41
N GLY A 190 -15.78 16.78 -10.40
CA GLY A 190 -17.21 16.59 -10.24
C GLY A 190 -17.79 15.54 -11.17
N ASP A 191 -16.93 14.88 -11.93
CA ASP A 191 -17.36 13.85 -12.88
C ASP A 191 -17.63 12.55 -12.14
N GLU A 192 -18.92 12.19 -12.08
CA GLU A 192 -19.40 11.01 -11.35
C GLU A 192 -18.83 9.70 -11.86
N LYS A 193 -18.41 9.66 -13.12
CA LYS A 193 -17.90 8.41 -13.72
C LYS A 193 -16.69 7.88 -12.95
N TYR A 194 -15.82 8.78 -12.50
CA TYR A 194 -14.66 8.42 -11.70
C TYR A 194 -15.09 7.68 -10.44
N ARG A 195 -16.07 8.23 -9.75
CA ARG A 195 -16.56 7.67 -8.49
C ARG A 195 -17.27 6.34 -8.72
N GLN A 196 -18.10 6.27 -9.78
CA GLN A 196 -18.81 5.05 -10.12
C GLN A 196 -17.87 3.87 -10.35
N VAL A 197 -16.80 4.10 -11.11
CA VAL A 197 -15.79 3.07 -11.36
C VAL A 197 -15.10 2.64 -10.06
N ALA A 198 -14.71 3.61 -9.23
CA ALA A 198 -14.07 3.32 -7.96
C ALA A 198 -14.97 2.48 -7.04
N VAL A 199 -16.23 2.90 -6.93
CA VAL A 199 -17.18 2.20 -6.07
C VAL A 199 -17.46 0.78 -6.58
N ASN A 200 -17.73 0.66 -7.88
CA ASN A 200 -17.98 -0.65 -8.50
C ASN A 200 -16.81 -1.58 -8.30
N HIS A 201 -15.62 -1.05 -8.56
CA HIS A 201 -14.39 -1.83 -8.37
C HIS A 201 -14.22 -2.26 -6.93
N PHE A 202 -14.53 -1.35 -5.98
CA PHE A 202 -14.43 -1.72 -4.59
C PHE A 202 -15.30 -2.94 -4.27
N TYR A 203 -16.57 -2.89 -4.64
CA TYR A 203 -17.49 -3.98 -4.31
C TYR A 203 -17.15 -5.28 -5.04
N ALA A 204 -16.70 -5.18 -6.28
CA ALA A 204 -16.22 -6.37 -7.02
C ALA A 204 -15.07 -7.02 -6.26
N SER A 205 -14.19 -6.19 -5.70
CA SER A 205 -13.08 -6.69 -4.90
C SER A 205 -13.59 -7.31 -3.59
N ALA A 206 -14.36 -6.53 -2.83
CA ALA A 206 -14.83 -6.93 -1.50
C ALA A 206 -15.58 -8.26 -1.54
N ASN A 207 -16.38 -8.46 -2.57
CA ASN A 207 -17.24 -9.63 -2.62
C ASN A 207 -16.56 -10.89 -3.16
N ASN A 208 -15.36 -10.72 -3.69
CA ASN A 208 -14.70 -11.80 -4.43
C ASN A 208 -13.24 -12.03 -4.06
N VAL A 209 -12.43 -10.97 -4.12
CA VAL A 209 -11.00 -11.12 -3.84
C VAL A 209 -10.73 -11.28 -2.33
N VAL A 210 -11.68 -10.83 -1.51
CA VAL A 210 -11.67 -11.14 -0.09
C VAL A 210 -12.49 -12.43 0.08
N ARG A 211 -11.91 -13.39 0.80
CA ARG A 211 -12.54 -14.71 0.98
C ARG A 211 -13.43 -14.74 2.22
N ASP A 212 -14.30 -15.76 2.29
CA ASP A 212 -15.25 -15.92 3.40
C ASP A 212 -14.59 -16.00 4.78
N ASP A 213 -13.33 -16.44 4.82
CA ASP A 213 -12.59 -16.56 6.09
C ASP A 213 -11.79 -15.31 6.41
N SER A 214 -12.02 -14.25 5.62
CA SER A 214 -11.32 -12.96 5.74
C SER A 214 -9.90 -12.94 5.18
N SER A 215 -9.43 -14.07 4.65
CA SER A 215 -8.16 -14.08 3.93
C SER A 215 -8.35 -13.47 2.54
N ALA A 216 -7.24 -13.26 1.83
CA ALA A 216 -7.29 -12.58 0.53
C ALA A 216 -6.73 -13.44 -0.58
N PHE A 217 -7.46 -13.49 -1.70
CA PHE A 217 -6.88 -13.90 -2.98
C PHE A 217 -5.98 -12.75 -3.48
N HIS A 218 -5.05 -13.09 -4.36
CA HIS A 218 -4.28 -12.07 -5.07
C HIS A 218 -5.08 -11.57 -6.26
N THR A 219 -5.63 -12.53 -7.01
CA THR A 219 -6.30 -12.29 -8.28
C THR A 219 -7.72 -12.87 -8.24
N PHE A 220 -8.65 -12.20 -8.92
CA PHE A 220 -9.97 -12.77 -9.11
C PHE A 220 -10.46 -12.59 -10.53
N TYR A 221 -10.84 -13.71 -11.16
CA TYR A 221 -11.29 -13.72 -12.54
C TYR A 221 -12.79 -13.55 -12.69
N PHE A 222 -13.19 -12.89 -13.76
CA PHE A 222 -14.59 -12.72 -14.12
C PHE A 222 -14.85 -13.26 -15.52
N ASP A 223 -16.11 -13.51 -15.84
CA ASP A 223 -16.51 -13.92 -17.18
C ASP A 223 -16.74 -12.68 -18.05
N PRO A 224 -15.96 -12.53 -19.14
CA PRO A 224 -16.09 -11.33 -19.99
C PRO A 224 -17.43 -11.21 -20.72
N GLU A 225 -18.14 -12.33 -20.87
CA GLU A 225 -19.45 -12.31 -21.54
C GLU A 225 -20.58 -11.91 -20.59
N THR A 226 -20.61 -12.51 -19.41
CA THR A 226 -21.71 -12.31 -18.46
C THR A 226 -21.38 -11.31 -17.35
N GLY A 227 -20.10 -11.16 -17.05
CA GLY A 227 -19.65 -10.33 -15.93
C GLY A 227 -19.68 -11.07 -14.60
N GLU A 228 -20.05 -12.35 -14.64
CA GLU A 228 -20.11 -13.16 -13.43
C GLU A 228 -18.73 -13.43 -12.84
N PRO A 229 -18.63 -13.42 -11.50
CA PRO A 229 -17.38 -13.84 -10.87
C PRO A 229 -17.12 -15.33 -11.13
N LEU A 230 -15.86 -15.67 -11.41
CA LEU A 230 -15.49 -17.04 -11.72
C LEU A 230 -14.68 -17.73 -10.64
N LYS A 231 -13.44 -17.29 -10.43
CA LYS A 231 -12.56 -17.92 -9.43
CA LYS A 231 -12.51 -17.96 -9.52
C LYS A 231 -11.43 -17.01 -8.98
N GLY A 232 -11.00 -17.22 -7.75
CA GLY A 232 -9.86 -16.50 -7.18
C GLY A 232 -8.60 -17.34 -7.29
N VAL A 233 -7.46 -16.66 -7.41
CA VAL A 233 -6.15 -17.33 -7.48
C VAL A 233 -5.19 -16.71 -6.44
N THR A 234 -4.57 -17.57 -5.64
CA THR A 234 -3.65 -17.16 -4.57
C THR A 234 -2.20 -17.04 -5.04
N ARG A 235 -1.95 -16.04 -5.89
N ARG A 235 -1.95 -16.07 -5.92
CA ARG A 235 -0.63 -15.79 -6.48
CA ARG A 235 -0.62 -15.85 -6.46
C ARG A 235 0.35 -15.12 -5.50
C ARG A 235 0.33 -15.24 -5.42
N GLN A 236 1.62 -15.47 -5.61
CA GLN A 236 2.69 -14.86 -4.82
CA GLN A 236 2.66 -14.83 -4.80
C GLN A 236 2.87 -15.48 -3.42
N GLY A 237 1.92 -16.29 -2.99
CA GLY A 237 2.03 -16.98 -1.71
C GLY A 237 2.80 -18.29 -1.84
N TYR A 238 3.14 -18.89 -0.70
CA TYR A 238 3.92 -20.13 -0.67
C TYR A 238 3.24 -21.28 -1.40
N SER A 239 1.96 -21.50 -1.10
CA SER A 239 1.20 -22.60 -1.68
C SER A 239 -0.27 -22.18 -1.88
N ASP A 240 -1.06 -23.08 -2.47
CA ASP A 240 -2.48 -22.83 -2.70
C ASP A 240 -3.25 -22.69 -1.39
N GLU A 241 -2.71 -23.26 -0.32
CA GLU A 241 -3.37 -23.27 0.98
C GLU A 241 -2.83 -22.19 1.91
N SER A 242 -1.86 -21.41 1.43
CA SER A 242 -1.18 -20.42 2.26
C SER A 242 -1.85 -19.04 2.20
N SER A 243 -1.19 -18.05 2.83
CA SER A 243 -1.75 -16.71 2.97
CA SER A 243 -1.75 -16.71 2.97
C SER A 243 -0.69 -15.63 2.77
N TRP A 244 -0.53 -15.19 1.53
CA TRP A 244 0.45 -14.16 1.16
C TRP A 244 0.24 -12.89 1.99
N ALA A 245 1.26 -12.46 2.71
CA ALA A 245 1.11 -11.41 3.72
C ALA A 245 0.74 -10.04 3.13
N ARG A 246 1.43 -9.63 2.06
CA ARG A 246 1.17 -8.30 1.51
C ARG A 246 -0.24 -8.14 0.92
N GLY A 247 -0.77 -9.21 0.34
CA GLY A 247 -2.14 -9.20 -0.18
C GLY A 247 -3.14 -8.88 0.91
N GLN A 248 -2.94 -9.49 2.07
CA GLN A 248 -3.76 -9.22 3.25
C GLN A 248 -3.64 -7.74 3.63
N ALA A 249 -2.42 -7.21 3.63
CA ALA A 249 -2.17 -5.81 3.95
C ALA A 249 -2.78 -4.82 2.95
N TRP A 250 -2.81 -5.17 1.67
CA TRP A 250 -3.47 -4.30 0.68
C TRP A 250 -4.96 -4.15 1.04
N GLY A 251 -5.58 -5.22 1.54
CA GLY A 251 -6.95 -5.15 2.02
C GLY A 251 -7.07 -4.27 3.26
N ILE A 252 -6.17 -4.48 4.22
CA ILE A 252 -6.17 -3.74 5.49
C ILE A 252 -6.06 -2.23 5.28
N TYR A 253 -5.29 -1.81 4.28
CA TYR A 253 -5.17 -0.37 4.00
C TYR A 253 -6.17 0.09 2.95
N GLY A 254 -6.38 -0.71 1.90
CA GLY A 254 -7.30 -0.33 0.84
C GLY A 254 -8.74 -0.11 1.32
N ILE A 255 -9.17 -0.91 2.30
CA ILE A 255 -10.54 -0.81 2.80
C ILE A 255 -10.80 0.54 3.50
N PRO A 256 -10.02 0.90 4.56
CA PRO A 256 -10.28 2.20 5.18
C PRO A 256 -10.09 3.40 4.24
N LEU A 257 -9.15 3.31 3.30
CA LEU A 257 -8.96 4.39 2.33
C LEU A 257 -10.24 4.61 1.52
N SER A 258 -10.85 3.53 1.05
CA SER A 258 -12.11 3.61 0.32
C SER A 258 -13.27 4.03 1.21
N TYR A 259 -13.24 3.57 2.47
CA TYR A 259 -14.28 3.94 3.44
C TYR A 259 -14.40 5.46 3.59
N ARG A 260 -13.26 6.17 3.57
CA ARG A 260 -13.29 7.63 3.65
C ARG A 260 -14.30 8.21 2.67
N LYS A 261 -14.33 7.61 1.47
CA LYS A 261 -15.04 8.17 0.34
C LYS A 261 -16.42 7.54 0.13
N MET A 262 -16.69 6.47 0.86
CA MET A 262 -17.91 5.68 0.64
C MET A 262 -18.79 5.62 1.87
N LYS A 263 -18.14 5.60 3.04
CA LYS A 263 -18.81 5.60 4.34
C LYS A 263 -19.87 4.50 4.46
N ASP A 264 -19.50 3.31 4.01
CA ASP A 264 -20.35 2.13 4.15
C ASP A 264 -19.82 1.35 5.35
N TYR A 265 -20.64 1.22 6.39
CA TYR A 265 -20.22 0.50 7.59
C TYR A 265 -19.80 -0.95 7.34
N GLN A 266 -20.32 -1.56 6.27
CA GLN A 266 -19.88 -2.90 5.85
C GLN A 266 -18.35 -2.94 5.67
N GLN A 267 -17.77 -1.81 5.30
CA GLN A 267 -16.32 -1.72 5.10
C GLN A 267 -15.56 -1.79 6.42
N ILE A 268 -16.12 -1.23 7.48
CA ILE A 268 -15.52 -1.34 8.81
C ILE A 268 -15.53 -2.81 9.25
N ILE A 269 -16.63 -3.51 9.02
CA ILE A 269 -16.70 -4.93 9.38
C ILE A 269 -15.70 -5.75 8.55
N LEU A 270 -15.60 -5.45 7.26
CA LEU A 270 -14.63 -6.11 6.39
C LEU A 270 -13.21 -5.85 6.86
N PHE A 271 -12.93 -4.62 7.27
CA PHE A 271 -11.65 -4.27 7.89
C PHE A 271 -11.37 -5.10 9.12
N LYS A 272 -12.35 -5.23 10.01
CA LYS A 272 -12.17 -5.96 11.25
C LYS A 272 -11.80 -7.42 10.93
N GLY A 273 -12.48 -8.00 9.95
CA GLY A 273 -12.20 -9.38 9.54
C GLY A 273 -10.78 -9.56 9.05
N MET A 274 -10.38 -8.74 8.08
CA MET A 274 -9.06 -8.86 7.47
C MET A 274 -7.92 -8.53 8.43
N THR A 275 -8.14 -7.54 9.28
CA THR A 275 -7.11 -7.10 10.22
C THR A 275 -6.92 -8.12 11.33
N ASN A 276 -8.02 -8.67 11.85
CA ASN A 276 -7.92 -9.67 12.92
C ASN A 276 -7.22 -10.92 12.41
N TYR A 277 -7.51 -11.28 11.16
CA TYR A 277 -6.87 -12.41 10.49
C TYR A 277 -5.36 -12.21 10.46
N PHE A 278 -4.94 -11.00 10.06
CA PHE A 278 -3.54 -10.62 9.96
C PHE A 278 -2.90 -10.64 11.34
N LEU A 279 -3.52 -9.96 12.31
CA LEU A 279 -2.97 -9.88 13.66
C LEU A 279 -2.75 -11.25 14.27
N ASN A 280 -3.71 -12.15 14.06
CA ASN A 280 -3.67 -13.50 14.64
C ASN A 280 -2.55 -14.38 14.07
N ARG A 281 -2.01 -13.96 12.92
CA ARG A 281 -0.97 -14.72 12.25
C ARG A 281 0.41 -14.05 12.30
N LEU A 282 0.51 -12.99 13.09
CA LEU A 282 1.79 -12.33 13.37
C LEU A 282 2.63 -13.16 14.36
N PRO A 283 3.96 -13.19 14.16
CA PRO A 283 4.84 -13.89 15.10
C PRO A 283 5.15 -13.07 16.34
N GLU A 284 6.07 -13.55 17.17
CA GLU A 284 6.41 -12.93 18.46
C GLU A 284 6.72 -11.43 18.38
N ASP A 285 7.51 -11.03 17.39
CA ASP A 285 7.88 -9.61 17.24
C ASP A 285 6.86 -8.78 16.46
N LYS A 286 5.72 -9.39 16.15
CA LYS A 286 4.59 -8.74 15.47
C LYS A 286 4.89 -8.22 14.05
N VAL A 287 5.90 -8.81 13.41
CA VAL A 287 6.24 -8.45 12.03
C VAL A 287 5.99 -9.66 11.13
N SER A 288 5.05 -9.50 10.21
CA SER A 288 4.60 -10.58 9.34
C SER A 288 5.74 -11.29 8.62
N TYR A 289 5.71 -12.62 8.65
CA TYR A 289 6.49 -13.42 7.72
C TYR A 289 5.91 -13.17 6.33
N TRP A 290 6.67 -13.46 5.29
CA TRP A 290 6.25 -13.11 3.93
C TRP A 290 4.95 -13.81 3.53
N ASP A 291 4.74 -14.99 4.12
CA ASP A 291 3.49 -15.69 4.01
C ASP A 291 3.02 -15.99 5.42
N LEU A 292 1.75 -15.72 5.69
CA LEU A 292 1.20 -15.80 7.04
C LEU A 292 1.08 -17.23 7.58
N ILE A 293 1.37 -18.23 6.74
CA ILE A 293 1.43 -19.62 7.23
C ILE A 293 2.68 -19.87 8.07
N PHE A 294 3.68 -19.01 7.91
CA PHE A 294 4.93 -19.12 8.67
C PHE A 294 4.93 -18.24 9.91
N THR A 295 5.51 -18.77 10.98
CA THR A 295 5.74 -18.03 12.19
C THR A 295 7.16 -18.32 12.72
N ASP A 296 7.41 -17.96 13.97
CA ASP A 296 8.73 -18.16 14.59
C ASP A 296 9.21 -19.61 14.44
N GLY A 297 10.47 -19.75 14.05
CA GLY A 297 11.09 -21.08 13.90
C GLY A 297 11.08 -21.64 12.49
N SER A 298 10.31 -21.01 11.59
CA SER A 298 10.16 -21.48 10.22
C SER A 298 11.40 -21.25 9.35
N GLY A 299 12.26 -20.31 9.77
CA GLY A 299 13.45 -19.95 9.01
C GLY A 299 13.14 -19.24 7.69
N GLN A 300 11.89 -18.83 7.52
CA GLN A 300 11.46 -18.11 6.32
C GLN A 300 11.69 -16.60 6.50
N PRO A 301 11.86 -15.87 5.38
CA PRO A 301 12.10 -14.44 5.54
C PRO A 301 10.82 -13.68 5.92
N ARG A 302 10.99 -12.52 6.54
CA ARG A 302 9.84 -11.65 6.84
C ARG A 302 9.48 -10.89 5.58
N ASP A 303 8.27 -10.32 5.57
CA ASP A 303 7.98 -9.26 4.63
C ASP A 303 7.54 -8.03 5.44
N THR A 304 8.51 -7.18 5.75
CA THR A 304 8.27 -5.97 6.53
C THR A 304 7.34 -5.01 5.79
N SER A 305 7.34 -5.05 4.45
CA SER A 305 6.49 -4.12 3.68
C SER A 305 5.00 -4.38 3.95
N ALA A 306 4.65 -5.64 4.20
CA ALA A 306 3.27 -6.00 4.53
C ALA A 306 2.88 -5.41 5.88
N THR A 307 3.80 -5.46 6.83
CA THR A 307 3.57 -4.94 8.16
C THR A 307 3.49 -3.39 8.15
N ALA A 308 4.38 -2.75 7.40
CA ALA A 308 4.33 -1.29 7.26
C ALA A 308 2.99 -0.82 6.68
N THR A 309 2.54 -1.52 5.64
CA THR A 309 1.27 -1.22 4.97
C THR A 309 0.08 -1.41 5.92
N ALA A 310 0.10 -2.50 6.69
CA ALA A 310 -0.96 -2.78 7.68
C ALA A 310 -1.01 -1.70 8.78
N VAL A 311 0.16 -1.21 9.20
CA VAL A 311 0.21 -0.15 10.20
C VAL A 311 -0.54 1.09 9.68
N CYS A 312 -0.24 1.50 8.45
CA CYS A 312 -0.94 2.65 7.83
C CYS A 312 -2.44 2.44 7.79
N GLY A 313 -2.85 1.22 7.42
CA GLY A 313 -4.27 0.86 7.32
C GLY A 313 -4.98 0.93 8.67
N ILE A 314 -4.35 0.40 9.70
CA ILE A 314 -4.93 0.42 11.04
C ILE A 314 -5.02 1.88 11.52
N HIS A 315 -3.95 2.64 11.32
CA HIS A 315 -3.94 4.06 11.70
C HIS A 315 -5.10 4.81 11.04
N GLU A 316 -5.28 4.59 9.75
CA GLU A 316 -6.37 5.21 8.99
C GLU A 316 -7.75 4.84 9.53
N MET A 317 -8.02 3.55 9.68
CA MET A 317 -9.34 3.09 10.13
C MET A 317 -9.71 3.63 11.52
N LEU A 318 -8.70 3.76 12.38
CA LEU A 318 -8.90 4.22 13.76
CA LEU A 318 -8.92 4.21 13.75
C LEU A 318 -9.41 5.65 13.83
N LYS A 319 -9.25 6.40 12.75
CA LYS A 319 -9.82 7.76 12.66
C LYS A 319 -11.35 7.72 12.71
N TYR A 320 -11.91 6.59 12.29
CA TYR A 320 -13.37 6.47 12.08
C TYR A 320 -14.04 5.46 13.00
N LEU A 321 -13.28 4.46 13.44
CA LEU A 321 -13.85 3.35 14.22
C LEU A 321 -14.51 3.90 15.49
N PRO A 322 -15.77 3.52 15.75
CA PRO A 322 -16.42 3.96 16.99
C PRO A 322 -15.63 3.67 18.27
N GLU A 323 -15.67 4.62 19.19
CA GLU A 323 -15.04 4.47 20.50
C GLU A 323 -15.56 3.24 21.26
N VAL A 324 -16.80 2.86 20.97
CA VAL A 324 -17.44 1.71 21.64
C VAL A 324 -17.02 0.36 21.05
N ASP A 325 -16.29 0.38 19.94
CA ASP A 325 -15.81 -0.88 19.36
C ASP A 325 -14.84 -1.51 20.37
N PRO A 326 -15.14 -2.75 20.84
CA PRO A 326 -14.37 -3.33 21.93
C PRO A 326 -12.92 -3.63 21.57
N ASP A 327 -12.60 -3.58 20.27
CA ASP A 327 -11.25 -3.85 19.81
C ASP A 327 -10.47 -2.61 19.40
N LYS A 328 -11.10 -1.43 19.49
CA LYS A 328 -10.43 -0.20 19.08
C LYS A 328 -9.12 0.03 19.80
N GLU A 329 -9.13 -0.11 21.13
CA GLU A 329 -7.91 0.06 21.90
C GLU A 329 -6.86 -0.99 21.54
N THR A 330 -7.30 -2.23 21.35
CA THR A 330 -6.40 -3.30 20.88
C THR A 330 -5.71 -2.92 19.56
N TYR A 331 -6.48 -2.41 18.60
CA TYR A 331 -5.91 -1.97 17.32
C TYR A 331 -4.87 -0.87 17.50
N LYS A 332 -5.17 0.11 18.36
CA LYS A 332 -4.22 1.19 18.64
C LYS A 332 -2.91 0.63 19.16
N TYR A 333 -3.00 -0.26 20.14
CA TYR A 333 -1.80 -0.85 20.73
C TYR A 333 -1.10 -1.77 19.74
N ALA A 334 -1.89 -2.48 18.92
CA ALA A 334 -1.34 -3.34 17.88
C ALA A 334 -0.46 -2.56 16.89
N MET A 335 -0.97 -1.44 16.39
CA MET A 335 -0.17 -0.67 15.41
C MET A 335 1.10 -0.07 16.04
N HIS A 336 1.02 0.33 17.30
CA HIS A 336 2.20 0.80 18.04
C HIS A 336 3.26 -0.29 18.20
N THR A 337 2.83 -1.51 18.56
CA THR A 337 3.74 -2.64 18.74
CA THR A 337 3.73 -2.66 18.73
C THR A 337 4.44 -3.00 17.42
N MET A 338 3.64 -3.06 16.34
CA MET A 338 4.13 -3.39 15.02
C MET A 338 5.13 -2.36 14.52
N LEU A 339 4.77 -1.08 14.64
CA LEU A 339 5.66 -0.01 14.22
C LEU A 339 6.93 0.04 15.08
N ARG A 340 6.78 -0.18 16.39
CA ARG A 340 7.94 -0.25 17.28
C ARG A 340 8.94 -1.30 16.80
N SER A 341 8.43 -2.50 16.50
CA SER A 341 9.28 -3.57 15.99
C SER A 341 9.98 -3.19 14.68
N LEU A 342 9.25 -2.55 13.76
CA LEU A 342 9.87 -2.09 12.52
C LEU A 342 11.02 -1.13 12.80
N ILE A 343 10.78 -0.14 13.66
CA ILE A 343 11.78 0.87 14.02
C ILE A 343 13.00 0.21 14.68
N GLU A 344 12.75 -0.66 15.65
CA GLU A 344 13.80 -1.16 16.53
C GLU A 344 14.57 -2.35 15.97
N GLN A 345 13.94 -3.10 15.08
CA GLN A 345 14.54 -4.37 14.63
C GLN A 345 14.74 -4.48 13.13
N TYR A 346 14.02 -3.67 12.35
CA TYR A 346 14.01 -3.83 10.90
C TYR A 346 14.46 -2.62 10.09
N SER A 347 14.54 -1.46 10.74
CA SER A 347 14.95 -0.24 10.05
C SER A 347 16.46 -0.24 9.79
N ASN A 348 16.85 0.42 8.71
CA ASN A 348 18.25 0.49 8.27
C ASN A 348 19.14 1.28 9.23
N ASN A 349 20.26 0.66 9.62
CA ASN A 349 21.25 1.32 10.47
C ASN A 349 22.52 1.71 9.71
N GLU A 350 22.80 1.02 8.61
CA GLU A 350 24.02 1.30 7.85
C GLU A 350 23.77 2.39 6.81
N LEU A 351 24.31 3.57 7.07
CA LEU A 351 24.09 4.73 6.21
C LEU A 351 25.10 4.81 5.08
N ILE A 352 24.82 4.08 4.00
CA ILE A 352 25.64 4.12 2.78
C ILE A 352 24.75 4.16 1.54
N ALA A 353 25.29 4.66 0.44
CA ALA A 353 24.54 4.86 -0.80
C ALA A 353 23.78 3.61 -1.25
N GLY A 354 22.49 3.80 -1.53
CA GLY A 354 21.64 2.73 -2.06
C GLY A 354 20.95 1.82 -1.06
N ARG A 355 21.23 2.00 0.24
CA ARG A 355 20.54 1.23 1.27
C ARG A 355 19.07 1.66 1.33
N PRO A 356 18.18 0.73 1.76
CA PRO A 356 16.77 1.08 1.92
C PRO A 356 16.52 1.65 3.31
N LEU A 357 15.31 2.17 3.54
CA LEU A 357 14.93 2.63 4.87
C LEU A 357 14.62 1.46 5.79
N LEU A 358 14.10 0.39 5.18
CA LEU A 358 13.56 -0.75 5.90
C LEU A 358 14.07 -2.04 5.26
N LEU A 359 14.57 -2.95 6.08
CA LEU A 359 15.12 -4.22 5.60
C LEU A 359 14.10 -5.35 5.68
N HIS A 360 14.45 -6.49 5.09
CA HIS A 360 13.70 -7.75 5.24
C HIS A 360 12.28 -7.73 4.69
N GLY A 361 12.15 -7.31 3.44
CA GLY A 361 10.91 -7.46 2.68
C GLY A 361 11.03 -8.63 1.73
N VAL A 362 9.91 -9.03 1.13
CA VAL A 362 9.88 -10.01 0.06
C VAL A 362 8.98 -9.49 -1.05
N TYR A 363 9.57 -9.29 -2.23
CA TYR A 363 8.85 -8.79 -3.39
C TYR A 363 8.04 -9.92 -4.04
N SER A 364 8.73 -10.91 -4.62
CA SER A 364 8.07 -12.04 -5.25
C SER A 364 8.89 -13.30 -5.00
N TRP A 365 8.46 -14.11 -4.03
CA TRP A 365 9.24 -15.25 -3.57
C TRP A 365 9.51 -16.29 -4.65
N HIS A 366 8.46 -16.69 -5.36
CA HIS A 366 8.58 -17.75 -6.38
C HIS A 366 9.43 -17.33 -7.57
N SER A 367 9.39 -16.04 -7.90
CA SER A 367 10.19 -15.47 -8.99
C SER A 367 11.61 -15.15 -8.55
N GLY A 368 11.89 -15.29 -7.26
CA GLY A 368 13.19 -14.94 -6.70
C GLY A 368 13.51 -13.46 -6.79
N LYS A 369 12.48 -12.63 -6.80
CA LYS A 369 12.64 -11.17 -6.87
C LYS A 369 12.61 -10.57 -5.47
N GLY A 370 13.62 -9.78 -5.15
CA GLY A 370 13.70 -9.08 -3.86
C GLY A 370 13.32 -9.93 -2.66
N VAL A 371 13.91 -11.12 -2.57
CA VAL A 371 13.65 -12.02 -1.45
C VAL A 371 14.61 -11.72 -0.30
N ASP A 372 14.05 -11.28 0.83
CA ASP A 372 14.82 -10.77 1.98
C ASP A 372 15.68 -9.59 1.55
N GLU A 373 15.00 -8.60 0.99
CA GLU A 373 15.60 -7.37 0.49
C GLU A 373 14.72 -6.21 0.91
N GLY A 374 15.30 -5.01 0.96
CA GLY A 374 14.50 -3.80 1.07
C GLY A 374 13.70 -3.62 -0.22
N ASN A 375 12.55 -2.94 -0.10
CA ASN A 375 11.81 -2.56 -1.29
C ASN A 375 11.21 -1.16 -1.12
N ILE A 376 10.91 -0.52 -2.23
CA ILE A 376 10.61 0.91 -2.19
C ILE A 376 9.22 1.22 -1.63
N TRP A 377 8.26 0.32 -1.83
CA TRP A 377 6.92 0.52 -1.22
C TRP A 377 6.97 0.29 0.29
N GLY A 378 7.77 -0.69 0.73
CA GLY A 378 7.99 -0.91 2.16
C GLY A 378 8.65 0.30 2.80
N ASP A 379 9.63 0.87 2.13
CA ASP A 379 10.26 2.12 2.59
C ASP A 379 9.23 3.23 2.70
N TYR A 380 8.43 3.37 1.64
CA TYR A 380 7.41 4.40 1.59
C TYR A 380 6.39 4.26 2.73
N TYR A 381 5.80 3.08 2.89
CA TYR A 381 4.75 2.90 3.91
C TYR A 381 5.29 2.95 5.34
N TYR A 382 6.54 2.54 5.51
CA TYR A 382 7.22 2.70 6.80
C TYR A 382 7.31 4.18 7.17
N LEU A 383 7.85 4.99 6.25
CA LEU A 383 7.94 6.42 6.47
C LEU A 383 6.56 7.09 6.59
N GLU A 384 5.58 6.63 5.80
CA GLU A 384 4.22 7.15 5.94
C GLU A 384 3.66 6.86 7.32
N ALA A 385 3.93 5.66 7.84
CA ALA A 385 3.50 5.31 9.20
C ALA A 385 4.12 6.23 10.22
N LEU A 386 5.42 6.48 10.07
CA LEU A 386 6.13 7.38 10.99
C LEU A 386 5.52 8.77 10.98
N ILE A 387 5.30 9.30 9.78
CA ILE A 387 4.72 10.64 9.59
C ILE A 387 3.26 10.69 10.09
N ARG A 388 2.49 9.64 9.83
CA ARG A 388 1.14 9.49 10.38
C ARG A 388 1.12 9.65 11.91
N PHE A 389 2.05 8.99 12.58
CA PHE A 389 2.10 8.99 14.04
C PHE A 389 2.53 10.35 14.57
N TYR A 390 3.41 11.01 13.81
CA TYR A 390 4.11 12.21 14.25
C TYR A 390 3.31 13.51 14.09
N LYS A 391 2.50 13.58 13.04
CA LYS A 391 1.75 14.80 12.77
C LYS A 391 0.32 14.45 12.41
N ASP A 392 -0.51 15.46 12.20
CA ASP A 392 -1.81 15.26 11.60
C ASP A 392 -1.59 15.29 10.10
N TRP A 393 -1.36 14.11 9.52
CA TRP A 393 -0.93 14.05 8.12
C TRP A 393 -2.10 14.09 7.14
N GLU A 394 -2.03 15.03 6.19
CA GLU A 394 -2.99 15.10 5.11
C GLU A 394 -2.65 14.04 4.05
N LEU A 395 -3.55 13.07 3.88
CA LEU A 395 -3.27 11.93 2.97
C LEU A 395 -3.03 12.35 1.53
N TYR A 396 -1.98 11.79 0.92
CA TYR A 396 -1.82 11.89 -0.53
C TYR A 396 -2.95 11.13 -1.21
N TRP A 397 -3.27 9.96 -0.64
CA TRP A 397 -4.36 9.08 -1.12
C TRP A 397 -5.72 9.75 -1.06
S SO4 B . -14.17 -18.38 -0.89
O1 SO4 B . -15.40 -18.78 -1.55
O2 SO4 B . -14.49 -17.76 0.39
O3 SO4 B . -13.32 -19.55 -0.67
O4 SO4 B . -13.47 -17.41 -1.73
S SO4 C . 13.17 -17.89 12.36
O1 SO4 C . 12.62 -17.87 13.71
O2 SO4 C . 12.08 -17.95 11.38
O3 SO4 C . 13.96 -16.70 12.11
O4 SO4 C . 14.01 -19.08 12.19
S SO4 D . 3.15 -13.33 21.31
O1 SO4 D . 1.88 -13.63 21.96
O2 SO4 D . 2.93 -12.48 20.14
O3 SO4 D . 4.03 -12.64 22.25
O4 SO4 D . 3.77 -14.58 20.86
C1 GOL E . -8.97 -19.62 -14.86
O1 GOL E . -7.73 -19.75 -14.21
C2 GOL E . -8.94 -18.46 -15.85
O2 GOL E . -7.73 -18.49 -16.56
C3 GOL E . -10.10 -18.59 -16.83
O3 GOL E . -11.24 -17.97 -16.29
C1 GOL F . -6.40 -18.06 13.81
O1 GOL F . -7.66 -18.38 14.33
C2 GOL F . -5.39 -19.11 14.25
O2 GOL F . -4.57 -18.59 15.28
C3 GOL F . -4.51 -19.50 13.07
O3 GOL F . -5.05 -20.63 12.43
C1 GOL G . -21.31 0.39 15.99
O1 GOL G . -21.34 0.68 17.38
C2 GOL G . -22.59 0.88 15.33
O2 GOL G . -23.42 -0.23 15.08
C3 GOL G . -22.25 1.59 14.02
O3 GOL G . -23.42 1.89 13.29
#